data_2NQJ
#
_entry.id   2NQJ
#
_cell.length_a   55.6
_cell.length_b   86.2
_cell.length_c   148.3
_cell.angle_alpha   90
_cell.angle_beta   90
_cell.angle_gamma   90
#
_symmetry.space_group_name_H-M   'P 21 21 21'
#
loop_
_entity.id
_entity.type
_entity.pdbx_description
1 polymer "5'-D(*GP*CP*GP*TP*CP*CP*(3DR)P*CP*GP*AP*CP*GP*AP*CP*G)-3'"
2 polymer "5'-D(*CP*GP*TP*CP*GP*TP*CP*GP*GP*GP*GP*AP*CP*GP*C)-3'"
3 polymer 'Endonuclease 4'
4 non-polymer 'ZINC ION'
5 water water
#
loop_
_entity_poly.entity_id
_entity_poly.type
_entity_poly.pdbx_seq_one_letter_code
_entity_poly.pdbx_strand_id
1 'polydeoxyribonucleotide' (DG)(DC)(DG)(DT)(DC)(DC)(3DR)(DC)(DG)(DA)(DC)(DG)(DA)(DC)(DG) C
2 'polydeoxyribonucleotide' (DC)(DG)(DT)(DC)(DG)(DT)(DC)(DG)(DG)(DG)(DG)(DA)(DC)(DG)(DC) D
3 'polypeptide(L)'
;MKYIGAHVSAAGGLANAAIRAAEIDATAFALFTKNQRQWRAAPLTTQTIDEFKAACEKYHYTSAQILPHDSYLINLGHPV
TEALEKSRDAFIDEMQRCEQLGLSLLNFHPGSHLMQISEEDCLARIAESINIALDKTQGVTAVIENTAGQGSNLGFKFEH
LAAIIDGVEDKSRVGVCIDTCHAFAAGYDLRTPAECEKTFADFARTVGFKYLRGMHLNDAKSTFGSRVDRHHSLGEGNIG
HDAFRWIMQDDRFDGIPLILQTINPDIWAEEIAWLKAQQTEKAVA
;
A,B
#
loop_
_chem_comp.id
_chem_comp.type
_chem_comp.name
_chem_comp.formula
3DR DNA linking 1',2'-DIDEOXYRIBOFURANOSE-5'-PHOSPHATE 'C5 H11 O6 P'
DA DNA linking 2'-DEOXYADENOSINE-5'-MONOPHOSPHATE 'C10 H14 N5 O6 P'
DC DNA linking 2'-DEOXYCYTIDINE-5'-MONOPHOSPHATE 'C9 H14 N3 O7 P'
DG DNA linking 2'-DEOXYGUANOSINE-5'-MONOPHOSPHATE 'C10 H14 N5 O7 P'
DT DNA linking THYMIDINE-5'-MONOPHOSPHATE 'C10 H15 N2 O8 P'
ZN non-polymer 'ZINC ION' 'Zn 2'
#
# COMPACT_ATOMS: atom_id res chain seq x y z
O5' 3DR A 7 -0.06 -30.22 24.53
P 3DR A 7 0.42 -29.03 23.56
OP1 3DR A 7 1.73 -29.45 23.01
OP2 3DR A 7 -0.67 -28.70 22.63
C2' 3DR A 7 0.03 -33.16 26.07
C5' 3DR A 7 -1.27 -30.12 25.27
C4' 3DR A 7 -1.58 -31.41 26.02
O4' 3DR A 7 -1.97 -32.45 25.12
C1' 3DR A 7 -1.24 -33.64 25.41
C3' 3DR A 7 -0.45 -31.98 26.87
O3' 3DR A 7 -0.97 -32.45 28.13
N MET C 1 -12.14 -42.40 5.62
CA MET C 1 -11.88 -42.85 7.01
C MET C 1 -11.06 -41.83 7.79
N LYS C 2 -11.52 -41.49 8.98
CA LYS C 2 -10.83 -40.55 9.86
C LYS C 2 -10.54 -41.25 11.18
N TYR C 3 -9.41 -40.94 11.80
CA TYR C 3 -9.05 -41.54 13.07
C TYR C 3 -9.18 -40.47 14.14
N ILE C 4 -10.16 -40.65 15.03
CA ILE C 4 -10.43 -39.67 16.08
C ILE C 4 -10.11 -40.18 17.47
N GLY C 5 -9.31 -39.41 18.19
CA GLY C 5 -8.95 -39.79 19.55
C GLY C 5 -8.55 -38.61 20.40
N ALA C 6 -7.66 -38.89 21.36
CA ALA C 6 -7.17 -37.87 22.28
C ALA C 6 -5.78 -38.29 22.75
N HIS C 7 -5.10 -37.40 23.45
CA HIS C 7 -3.78 -37.73 23.98
C HIS C 7 -4.05 -38.38 25.33
N VAL C 8 -4.22 -39.69 25.34
CA VAL C 8 -4.50 -40.38 26.58
C VAL C 8 -3.25 -40.54 27.44
N SER C 9 -3.45 -40.96 28.69
CA SER C 9 -2.36 -41.13 29.63
C SER C 9 -1.58 -42.44 29.51
N ALA C 10 -0.28 -42.34 29.71
CA ALA C 10 0.60 -43.50 29.65
C ALA C 10 1.06 -43.90 31.05
N ALA C 11 0.39 -43.36 32.07
CA ALA C 11 0.73 -43.68 33.45
C ALA C 11 0.63 -45.18 33.67
N GLY C 12 1.63 -45.75 34.33
CA GLY C 12 1.62 -47.18 34.59
C GLY C 12 2.08 -48.07 33.43
N GLY C 13 2.42 -47.46 32.30
CA GLY C 13 2.87 -48.25 31.17
C GLY C 13 2.23 -47.84 29.85
N LEU C 14 2.99 -47.96 28.76
CA LEU C 14 2.48 -47.59 27.45
C LEU C 14 1.21 -48.35 27.04
N ALA C 15 1.12 -49.62 27.41
CA ALA C 15 -0.06 -50.43 27.08
C ALA C 15 -1.33 -49.75 27.61
N ASN C 16 -1.26 -49.23 28.84
CA ASN C 16 -2.40 -48.55 29.46
C ASN C 16 -2.99 -47.47 28.56
N ALA C 17 -2.13 -46.77 27.82
CA ALA C 17 -2.58 -45.72 26.91
C ALA C 17 -3.56 -46.30 25.88
N ALA C 18 -3.16 -47.39 25.24
CA ALA C 18 -4.01 -48.04 24.25
C ALA C 18 -5.31 -48.47 24.93
N ILE C 19 -5.20 -48.95 26.17
CA ILE C 19 -6.38 -49.37 26.90
C ILE C 19 -7.27 -48.16 27.18
N ARG C 20 -6.66 -47.06 27.62
CA ARG C 20 -7.42 -45.85 27.93
C ARG C 20 -8.08 -45.31 26.66
N ALA C 21 -7.40 -45.47 25.53
CA ALA C 21 -7.91 -45.01 24.24
C ALA C 21 -9.14 -45.83 23.86
N ALA C 22 -9.06 -47.15 24.05
CA ALA C 22 -10.16 -48.04 23.74
C ALA C 22 -11.36 -47.74 24.63
N GLU C 23 -11.10 -47.50 25.91
CA GLU C 23 -12.16 -47.19 26.88
C GLU C 23 -13.05 -46.02 26.49
N ILE C 24 -12.52 -45.08 25.70
CA ILE C 24 -13.30 -43.92 25.28
C ILE C 24 -13.65 -44.01 23.79
N ASP C 25 -13.54 -45.21 23.23
CA ASP C 25 -13.87 -45.47 21.83
C ASP C 25 -13.14 -44.60 20.83
N ALA C 26 -11.83 -44.48 21.00
CA ALA C 26 -11.06 -43.69 20.07
C ALA C 26 -10.56 -44.58 18.95
N THR C 27 -10.42 -44.00 17.76
CA THR C 27 -9.92 -44.74 16.62
C THR C 27 -8.52 -44.20 16.33
N ALA C 28 -8.01 -43.42 17.28
CA ALA C 28 -6.68 -42.83 17.21
C ALA C 28 -6.31 -42.39 18.61
N PHE C 29 -5.02 -42.26 18.88
CA PHE C 29 -4.57 -41.78 20.18
C PHE C 29 -3.14 -41.29 20.17
N ALA C 30 -2.85 -40.37 21.09
CA ALA C 30 -1.52 -39.83 21.19
C ALA C 30 -1.00 -40.17 22.57
N LEU C 31 0.31 -40.10 22.75
CA LEU C 31 0.90 -40.39 24.04
C LEU C 31 2.35 -39.94 24.11
N PHE C 32 2.91 -40.05 25.30
CA PHE C 32 4.30 -39.72 25.57
C PHE C 32 4.93 -41.09 25.78
N THR C 33 6.09 -41.35 25.16
CA THR C 33 6.73 -42.65 25.34
C THR C 33 7.53 -42.67 26.63
N LYS C 34 7.61 -41.50 27.27
CA LYS C 34 8.32 -41.29 28.52
C LYS C 34 7.90 -39.90 29.02
N ASN C 35 8.07 -39.63 30.32
CA ASN C 35 7.68 -38.34 30.87
C ASN C 35 8.30 -37.22 30.05
N GLN C 36 7.48 -36.26 29.65
CA GLN C 36 7.92 -35.15 28.82
C GLN C 36 8.55 -33.98 29.58
N ARG C 37 8.69 -34.12 30.89
CA ARG C 37 9.27 -33.05 31.70
C ARG C 37 10.58 -33.43 32.38
N GLN C 38 11.16 -34.55 31.95
CA GLN C 38 12.42 -35.03 32.50
C GLN C 38 13.32 -35.45 31.34
N TRP C 39 14.61 -35.19 31.47
CA TRP C 39 15.56 -35.53 30.43
C TRP C 39 15.72 -37.03 30.18
N ARG C 40 15.96 -37.78 31.25
CA ARG C 40 16.16 -39.24 31.14
C ARG C 40 14.99 -40.06 31.63
N ALA C 41 14.79 -41.19 30.97
CA ALA C 41 13.76 -42.15 31.32
C ALA C 41 14.43 -43.52 31.17
N ALA C 42 13.99 -44.50 31.94
CA ALA C 42 14.58 -45.82 31.81
C ALA C 42 14.30 -46.32 30.41
N PRO C 43 15.30 -46.97 29.78
CA PRO C 43 15.14 -47.51 28.43
C PRO C 43 13.94 -48.46 28.39
N LEU C 44 13.24 -48.50 27.27
CA LEU C 44 12.11 -49.41 27.16
C LEU C 44 12.63 -50.82 27.35
N THR C 45 11.91 -51.63 28.11
CA THR C 45 12.28 -53.03 28.31
C THR C 45 11.49 -53.81 27.27
N THR C 46 11.94 -54.99 26.91
CA THR C 46 11.21 -55.76 25.92
C THR C 46 9.81 -56.05 26.44
N GLN C 47 9.69 -56.14 27.76
CA GLN C 47 8.39 -56.42 28.39
C GLN C 47 7.40 -55.30 28.12
N THR C 48 7.85 -54.06 28.30
CA THR C 48 7.00 -52.90 28.05
C THR C 48 6.66 -52.85 26.57
N ILE C 49 7.65 -53.08 25.73
CA ILE C 49 7.44 -53.06 24.30
C ILE C 49 6.40 -54.10 23.89
N ASP C 50 6.58 -55.33 24.36
CA ASP C 50 5.65 -56.42 24.06
C ASP C 50 4.22 -56.14 24.51
N GLU C 51 4.07 -55.72 25.76
CA GLU C 51 2.75 -55.43 26.28
C GLU C 51 2.06 -54.35 25.46
N PHE C 52 2.81 -53.33 25.08
CA PHE C 52 2.26 -52.24 24.31
C PHE C 52 1.72 -52.78 22.99
N LYS C 53 2.54 -53.57 22.31
CA LYS C 53 2.14 -54.14 21.03
C LYS C 53 0.94 -55.08 21.16
N ALA C 54 0.93 -55.88 22.23
CA ALA C 54 -0.19 -56.78 22.45
C ALA C 54 -1.46 -55.95 22.61
N ALA C 55 -1.36 -54.87 23.38
CA ALA C 55 -2.50 -53.98 23.62
C ALA C 55 -3.03 -53.40 22.32
N CYS C 56 -2.13 -52.82 21.53
CA CYS C 56 -2.49 -52.23 20.25
C CYS C 56 -3.12 -53.27 19.33
N GLU C 57 -2.55 -54.47 19.29
CA GLU C 57 -3.07 -55.51 18.42
C GLU C 57 -4.46 -55.94 18.86
N LYS C 58 -4.66 -56.00 20.17
CA LYS C 58 -5.95 -56.40 20.70
C LYS C 58 -7.07 -55.51 20.17
N TYR C 59 -6.87 -54.19 20.21
CA TYR C 59 -7.88 -53.24 19.78
C TYR C 59 -7.80 -52.84 18.31
N HIS C 60 -6.77 -53.31 17.60
CA HIS C 60 -6.58 -52.96 16.20
C HIS C 60 -6.14 -51.52 15.99
N TYR C 61 -5.25 -51.04 16.85
CA TYR C 61 -4.72 -49.69 16.67
C TYR C 61 -3.44 -49.88 15.86
N THR C 62 -3.44 -49.37 14.63
CA THR C 62 -2.27 -49.52 13.79
C THR C 62 -1.38 -48.29 13.88
N SER C 63 -0.13 -48.45 13.44
CA SER C 63 0.86 -47.39 13.45
C SER C 63 0.32 -46.08 12.86
N ALA C 64 -0.51 -46.18 11.83
CA ALA C 64 -1.07 -44.99 11.20
C ALA C 64 -2.09 -44.24 12.07
N GLN C 65 -2.46 -44.82 13.20
CA GLN C 65 -3.45 -44.20 14.08
C GLN C 65 -2.83 -43.66 15.37
N ILE C 66 -1.52 -43.85 15.54
CA ILE C 66 -0.83 -43.39 16.75
C ILE C 66 0.08 -42.18 16.54
N LEU C 67 -0.05 -41.19 17.42
CA LEU C 67 0.76 -40.00 17.29
C LEU C 67 1.50 -39.64 18.58
N PRO C 68 2.64 -40.29 18.84
CA PRO C 68 3.40 -39.98 20.05
C PRO C 68 3.96 -38.58 19.93
N HIS C 69 4.15 -37.93 21.07
CA HIS C 69 4.63 -36.56 21.13
C HIS C 69 5.93 -36.62 21.94
N ASP C 70 6.91 -35.79 21.59
CA ASP C 70 8.19 -35.80 22.29
C ASP C 70 8.24 -34.93 23.54
N SER C 71 9.42 -34.85 24.13
CA SER C 71 9.64 -34.08 25.35
C SER C 71 9.44 -32.57 25.20
N TYR C 72 8.94 -31.94 26.26
CA TYR C 72 8.75 -30.50 26.25
C TYR C 72 10.14 -29.85 26.29
N LEU C 73 11.07 -30.52 26.97
CA LEU C 73 12.43 -30.02 27.14
C LEU C 73 13.25 -29.80 25.88
N ILE C 74 12.94 -30.53 24.82
CA ILE C 74 13.69 -30.45 23.57
C ILE C 74 13.55 -29.18 22.75
N ASN C 75 14.70 -28.58 22.41
CA ASN C 75 14.72 -27.39 21.57
C ASN C 75 15.66 -27.71 20.40
N LEU C 76 15.09 -28.16 19.29
CA LEU C 76 15.90 -28.52 18.14
C LEU C 76 16.51 -27.33 17.41
N GLY C 77 16.33 -26.14 17.99
CA GLY C 77 16.88 -24.93 17.42
C GLY C 77 17.60 -24.07 18.44
N HIS C 78 18.00 -24.68 19.55
CA HIS C 78 18.69 -23.98 20.62
C HIS C 78 19.91 -23.17 20.16
N PRO C 79 20.01 -21.91 20.58
CA PRO C 79 21.14 -21.04 20.19
C PRO C 79 22.50 -21.50 20.73
N VAL C 80 22.47 -22.22 21.85
CA VAL C 80 23.69 -22.73 22.48
C VAL C 80 23.97 -24.16 22.01
N THR C 81 25.14 -24.35 21.42
CA THR C 81 25.55 -25.65 20.90
C THR C 81 25.38 -26.82 21.87
N GLU C 82 25.87 -26.67 23.09
CA GLU C 82 25.78 -27.74 24.07
C GLU C 82 24.32 -28.16 24.31
N ALA C 83 23.47 -27.17 24.58
CA ALA C 83 22.06 -27.42 24.83
C ALA C 83 21.39 -28.01 23.60
N LEU C 84 21.88 -27.62 22.42
CA LEU C 84 21.33 -28.12 21.16
C LEU C 84 21.70 -29.58 21.01
N GLU C 85 22.94 -29.92 21.37
CA GLU C 85 23.42 -31.30 21.29
C GLU C 85 22.54 -32.15 22.21
N LYS C 86 22.31 -31.64 23.41
CA LYS C 86 21.49 -32.35 24.38
C LYS C 86 20.08 -32.55 23.81
N SER C 87 19.48 -31.50 23.27
CA SER C 87 18.14 -31.60 22.70
C SER C 87 18.14 -32.65 21.59
N ARG C 88 19.21 -32.64 20.79
CA ARG C 88 19.36 -33.57 19.68
C ARG C 88 19.45 -35.01 20.14
N ASP C 89 20.26 -35.26 21.16
CA ASP C 89 20.42 -36.60 21.71
C ASP C 89 19.05 -37.11 22.18
N ALA C 90 18.35 -36.26 22.92
CA ALA C 90 17.05 -36.62 23.44
C ALA C 90 16.09 -36.95 22.31
N PHE C 91 16.04 -36.07 21.31
CA PHE C 91 15.15 -36.27 20.17
C PHE C 91 15.46 -37.57 19.47
N ILE C 92 16.75 -37.88 19.35
CA ILE C 92 17.18 -39.12 18.72
C ILE C 92 16.63 -40.28 19.55
N ASP C 93 16.71 -40.13 20.87
CA ASP C 93 16.20 -41.16 21.77
C ASP C 93 14.72 -41.41 21.53
N GLU C 94 13.94 -40.34 21.52
CA GLU C 94 12.51 -40.40 21.31
C GLU C 94 12.17 -41.10 20.00
N MET C 95 12.96 -40.84 18.97
CA MET C 95 12.72 -41.44 17.68
C MET C 95 13.12 -42.92 17.68
N GLN C 96 14.15 -43.26 18.44
CA GLN C 96 14.58 -44.66 18.51
C GLN C 96 13.54 -45.41 19.32
N ARG C 97 12.97 -44.75 20.32
CA ARG C 97 11.94 -45.38 21.13
C ARG C 97 10.71 -45.68 20.28
N CYS C 98 10.40 -44.82 19.32
CA CYS C 98 9.25 -45.06 18.46
C CYS C 98 9.54 -46.26 17.55
N GLU C 99 10.78 -46.35 17.08
CA GLU C 99 11.15 -47.46 16.21
C GLU C 99 10.95 -48.80 16.94
N GLN C 100 11.32 -48.84 18.22
CA GLN C 100 11.19 -50.07 19.01
C GLN C 100 9.72 -50.46 19.19
N LEU C 101 8.86 -49.46 19.36
CA LEU C 101 7.43 -49.66 19.57
C LEU C 101 6.67 -49.83 18.26
N GLY C 102 7.38 -49.77 17.14
CA GLY C 102 6.71 -49.93 15.86
C GLY C 102 5.82 -48.74 15.52
N LEU C 103 6.18 -47.57 16.03
CA LEU C 103 5.42 -46.36 15.75
C LEU C 103 6.15 -45.65 14.63
N SER C 104 5.38 -45.19 13.63
CA SER C 104 5.97 -44.55 12.47
C SER C 104 5.89 -43.03 12.44
N LEU C 105 5.34 -42.44 13.49
CA LEU C 105 5.21 -40.99 13.54
C LEU C 105 5.73 -40.45 14.86
N LEU C 106 6.21 -39.21 14.83
CA LEU C 106 6.69 -38.58 16.06
C LEU C 106 6.38 -37.08 16.01
N ASN C 107 5.40 -36.67 16.81
CA ASN C 107 4.98 -35.28 16.90
C ASN C 107 5.94 -34.52 17.82
N PHE C 108 6.49 -33.41 17.32
CA PHE C 108 7.43 -32.62 18.12
C PHE C 108 7.29 -31.14 17.82
N HIS C 109 7.73 -30.30 18.76
CA HIS C 109 7.66 -28.86 18.58
C HIS C 109 8.94 -28.39 17.89
N PRO C 110 8.82 -27.43 16.96
CA PRO C 110 9.96 -26.87 16.21
C PRO C 110 11.20 -26.40 16.97
N GLY C 111 11.06 -25.36 17.80
CA GLY C 111 12.22 -24.85 18.52
C GLY C 111 12.12 -23.36 18.80
N SER C 112 13.03 -22.83 19.62
CA SER C 112 12.99 -21.42 19.97
C SER C 112 14.37 -20.79 19.92
N HIS C 113 14.44 -19.56 19.45
CA HIS C 113 15.72 -18.88 19.36
C HIS C 113 16.15 -18.25 20.69
N LEU C 114 15.22 -18.20 21.62
CA LEU C 114 15.50 -17.66 22.96
C LEU C 114 16.18 -16.29 22.92
N MET C 115 15.86 -15.51 21.88
CA MET C 115 16.40 -14.17 21.70
C MET C 115 17.92 -14.15 21.55
N GLN C 116 18.50 -15.29 21.16
CA GLN C 116 19.95 -15.40 21.02
C GLN C 116 20.48 -15.73 19.64
N ILE C 117 19.58 -16.00 18.68
CA ILE C 117 20.00 -16.26 17.30
C ILE C 117 18.88 -15.70 16.45
N SER C 118 19.12 -15.61 15.15
CA SER C 118 18.10 -15.08 14.27
C SER C 118 17.11 -16.18 13.91
N GLU C 119 16.00 -15.80 13.30
CA GLU C 119 15.00 -16.76 12.91
C GLU C 119 15.60 -17.77 11.94
N GLU C 120 16.27 -17.30 10.89
CA GLU C 120 16.87 -18.22 9.91
C GLU C 120 17.75 -19.22 10.63
N ASP C 121 18.69 -18.69 11.41
CA ASP C 121 19.64 -19.50 12.15
C ASP C 121 18.93 -20.58 12.96
N CYS C 122 17.85 -20.20 13.64
CA CYS C 122 17.09 -21.15 14.45
C CYS C 122 16.39 -22.19 13.59
N LEU C 123 15.82 -21.76 12.47
CA LEU C 123 15.13 -22.68 11.57
C LEU C 123 16.10 -23.70 10.95
N ALA C 124 17.25 -23.21 10.48
CA ALA C 124 18.24 -24.08 9.86
C ALA C 124 18.74 -25.10 10.87
N ARG C 125 18.76 -24.74 12.16
CA ARG C 125 19.20 -25.67 13.19
C ARG C 125 18.17 -26.80 13.30
N ILE C 126 16.90 -26.43 13.21
CA ILE C 126 15.83 -27.42 13.30
C ILE C 126 15.97 -28.38 12.11
N ALA C 127 16.15 -27.82 10.92
CA ALA C 127 16.32 -28.67 9.74
C ALA C 127 17.47 -29.65 10.02
N GLU C 128 18.61 -29.12 10.43
CA GLU C 128 19.78 -29.94 10.75
C GLU C 128 19.44 -31.00 11.79
N SER C 129 18.78 -30.58 12.86
CA SER C 129 18.40 -31.51 13.92
C SER C 129 17.62 -32.68 13.36
N ILE C 130 16.67 -32.39 12.46
CA ILE C 130 15.87 -33.45 11.85
C ILE C 130 16.71 -34.37 10.97
N ASN C 131 17.49 -33.79 10.07
CA ASN C 131 18.33 -34.60 9.19
C ASN C 131 19.18 -35.54 10.02
N ILE C 132 19.77 -35.01 11.08
CA ILE C 132 20.60 -35.81 11.95
C ILE C 132 19.86 -37.00 12.55
N ALA C 133 18.64 -36.77 13.02
CA ALA C 133 17.84 -37.84 13.63
C ALA C 133 17.31 -38.85 12.63
N LEU C 134 16.91 -38.38 11.45
CA LEU C 134 16.40 -39.29 10.42
C LEU C 134 17.57 -40.09 9.89
N ASP C 135 18.76 -39.61 10.20
CA ASP C 135 20.00 -40.24 9.78
C ASP C 135 20.41 -41.32 10.77
N LYS C 136 19.95 -41.19 12.01
CA LYS C 136 20.30 -42.16 13.04
C LYS C 136 19.15 -43.10 13.38
N THR C 137 18.10 -43.07 12.57
CA THR C 137 16.92 -43.92 12.79
C THR C 137 16.27 -44.32 11.48
N GLN C 138 15.31 -45.24 11.56
CA GLN C 138 14.60 -45.70 10.37
C GLN C 138 13.10 -45.83 10.62
N GLY C 139 12.31 -45.67 9.56
CA GLY C 139 10.88 -45.83 9.66
C GLY C 139 10.05 -44.79 10.40
N VAL C 140 10.68 -43.94 11.20
CA VAL C 140 9.92 -42.92 11.93
C VAL C 140 9.89 -41.58 11.21
N THR C 141 8.71 -41.03 11.02
CA THR C 141 8.59 -39.76 10.35
C THR C 141 8.52 -38.61 11.36
N ALA C 142 9.32 -37.59 11.12
CA ALA C 142 9.35 -36.43 12.02
C ALA C 142 8.18 -35.50 11.69
N VAL C 143 7.23 -35.40 12.60
CA VAL C 143 6.06 -34.56 12.40
C VAL C 143 6.14 -33.28 13.19
N ILE C 144 6.39 -32.19 12.48
CA ILE C 144 6.51 -30.86 13.07
C ILE C 144 5.13 -30.29 13.34
N GLU C 145 4.93 -29.76 14.54
CA GLU C 145 3.66 -29.17 14.93
C GLU C 145 3.74 -27.66 14.86
N ASN C 146 2.68 -27.02 14.36
CA ASN C 146 2.67 -25.56 14.28
C ASN C 146 2.45 -25.09 15.73
N THR C 147 2.89 -23.87 16.04
CA THR C 147 2.75 -23.37 17.40
C THR C 147 1.95 -22.08 17.49
N ALA C 148 1.68 -21.66 18.73
CA ALA C 148 0.93 -20.43 18.99
C ALA C 148 1.86 -19.25 18.82
N GLY C 149 3.16 -19.50 18.95
CA GLY C 149 4.13 -18.44 18.79
C GLY C 149 4.40 -17.67 20.08
N GLN C 150 4.42 -18.37 21.21
CA GLN C 150 4.71 -17.74 22.50
C GLN C 150 6.21 -17.50 22.63
N GLY C 151 6.58 -16.43 23.33
CA GLY C 151 7.98 -16.13 23.53
C GLY C 151 8.80 -16.10 22.25
N SER C 152 9.94 -16.78 22.28
CA SER C 152 10.83 -16.83 21.13
C SER C 152 10.58 -18.11 20.34
N ASN C 153 9.40 -18.70 20.56
CA ASN C 153 9.06 -19.95 19.88
C ASN C 153 8.64 -19.80 18.42
N LEU C 154 9.32 -20.52 17.54
CA LEU C 154 9.03 -20.49 16.12
C LEU C 154 8.03 -21.56 15.71
N GLY C 155 7.57 -21.48 14.47
CA GLY C 155 6.62 -22.46 13.99
C GLY C 155 5.16 -22.04 14.02
N PHE C 156 4.90 -20.75 14.24
CA PHE C 156 3.52 -20.27 14.27
C PHE C 156 3.04 -19.89 12.86
N LYS C 157 3.98 -19.67 11.94
CA LYS C 157 3.61 -19.35 10.57
C LYS C 157 3.88 -20.56 9.71
N PHE C 158 2.96 -20.86 8.80
CA PHE C 158 3.13 -22.01 7.91
C PHE C 158 4.46 -21.92 7.19
N GLU C 159 4.90 -20.69 6.93
CA GLU C 159 6.17 -20.48 6.24
C GLU C 159 7.36 -21.03 7.01
N HIS C 160 7.23 -21.15 8.33
CA HIS C 160 8.31 -21.69 9.15
C HIS C 160 8.42 -23.18 8.90
N LEU C 161 7.27 -23.82 8.78
CA LEU C 161 7.22 -25.25 8.55
C LEU C 161 7.75 -25.59 7.16
N ALA C 162 7.38 -24.79 6.17
CA ALA C 162 7.82 -25.00 4.80
C ALA C 162 9.34 -24.82 4.70
N ALA C 163 9.87 -23.86 5.46
CA ALA C 163 11.30 -23.59 5.44
C ALA C 163 12.07 -24.69 6.13
N ILE C 164 11.50 -25.22 7.20
CA ILE C 164 12.14 -26.30 7.93
C ILE C 164 12.19 -27.53 7.05
N ILE C 165 11.13 -27.73 6.26
CA ILE C 165 11.07 -28.87 5.37
C ILE C 165 12.04 -28.72 4.20
N ASP C 166 12.16 -27.53 3.65
CA ASP C 166 13.08 -27.31 2.55
C ASP C 166 14.48 -27.76 2.93
N GLY C 167 14.81 -27.63 4.21
CA GLY C 167 16.13 -28.01 4.69
C GLY C 167 16.28 -29.47 5.06
N VAL C 168 15.21 -30.25 4.95
CA VAL C 168 15.29 -31.66 5.27
C VAL C 168 15.64 -32.42 4.00
N GLU C 169 16.58 -33.36 4.13
CA GLU C 169 17.03 -34.16 3.01
C GLU C 169 16.00 -35.22 2.65
N ASP C 170 15.75 -36.15 3.56
CA ASP C 170 14.79 -37.20 3.30
C ASP C 170 13.35 -36.76 3.52
N LYS C 171 12.81 -36.04 2.53
CA LYS C 171 11.44 -35.54 2.58
C LYS C 171 10.39 -36.62 2.85
N SER C 172 10.75 -37.88 2.65
CA SER C 172 9.78 -38.96 2.88
C SER C 172 9.49 -39.15 4.36
N ARG C 173 10.41 -38.71 5.22
CA ARG C 173 10.18 -38.88 6.65
C ARG C 173 10.00 -37.58 7.44
N VAL C 174 9.45 -36.55 6.79
CA VAL C 174 9.18 -35.29 7.48
C VAL C 174 7.73 -34.92 7.21
N GLY C 175 7.03 -34.41 8.23
CA GLY C 175 5.64 -34.04 8.04
C GLY C 175 5.21 -32.95 8.99
N VAL C 176 3.91 -32.67 9.03
CA VAL C 176 3.39 -31.63 9.90
C VAL C 176 2.10 -32.04 10.59
N CYS C 177 1.85 -31.42 11.74
CA CYS C 177 0.64 -31.67 12.50
C CYS C 177 0.08 -30.29 12.83
N ILE C 178 -1.15 -30.04 12.39
CA ILE C 178 -1.79 -28.76 12.64
C ILE C 178 -2.69 -28.77 13.87
N ASP C 179 -2.41 -27.85 14.78
CA ASP C 179 -3.17 -27.70 16.01
C ASP C 179 -4.05 -26.45 15.84
N THR C 180 -5.36 -26.66 15.82
CA THR C 180 -6.31 -25.58 15.62
C THR C 180 -6.13 -24.44 16.62
N CYS C 181 -5.91 -24.77 17.89
CA CYS C 181 -5.72 -23.74 18.88
C CYS C 181 -4.50 -22.88 18.56
N HIS C 182 -3.42 -23.54 18.14
CA HIS C 182 -2.17 -22.86 17.80
C HIS C 182 -2.29 -21.95 16.57
N ALA C 183 -2.95 -22.45 15.52
CA ALA C 183 -3.11 -21.66 14.31
C ALA C 183 -3.94 -20.42 14.60
N PHE C 184 -5.02 -20.62 15.37
CA PHE C 184 -5.92 -19.54 15.75
C PHE C 184 -5.15 -18.50 16.56
N ALA C 185 -4.40 -18.96 17.55
CA ALA C 185 -3.62 -18.06 18.38
C ALA C 185 -2.58 -17.32 17.54
N ALA C 186 -2.05 -18.01 16.54
CA ALA C 186 -1.04 -17.43 15.66
C ALA C 186 -1.61 -16.35 14.73
N GLY C 187 -2.92 -16.43 14.44
CA GLY C 187 -3.50 -15.44 13.57
C GLY C 187 -4.28 -16.04 12.41
N TYR C 188 -4.39 -17.35 12.36
CA TYR C 188 -5.13 -18.01 11.28
C TYR C 188 -6.55 -18.20 11.79
N ASP C 189 -7.49 -17.49 11.17
CA ASP C 189 -8.88 -17.58 11.61
C ASP C 189 -9.54 -18.88 11.19
N LEU C 190 -10.45 -19.36 12.04
CA LEU C 190 -11.17 -20.60 11.79
C LEU C 190 -12.61 -20.50 12.29
N ARG C 191 -12.96 -19.33 12.83
CA ARG C 191 -14.29 -19.08 13.39
C ARG C 191 -15.50 -19.22 12.48
N THR C 192 -15.28 -19.58 11.22
CA THR C 192 -16.38 -19.79 10.27
C THR C 192 -15.86 -20.68 9.15
N PRO C 193 -16.76 -21.39 8.47
CA PRO C 193 -16.33 -22.27 7.37
C PRO C 193 -15.49 -21.51 6.37
N ALA C 194 -15.89 -20.27 6.09
CA ALA C 194 -15.21 -19.42 5.13
C ALA C 194 -13.75 -19.23 5.50
N GLU C 195 -13.50 -18.88 6.76
CA GLU C 195 -12.13 -18.67 7.20
C GLU C 195 -11.33 -19.97 7.19
N CYS C 196 -11.98 -21.07 7.54
CA CYS C 196 -11.30 -22.36 7.54
C CYS C 196 -10.79 -22.65 6.12
N GLU C 197 -11.68 -22.54 5.13
CA GLU C 197 -11.31 -22.78 3.74
C GLU C 197 -10.14 -21.89 3.34
N LYS C 198 -10.12 -20.67 3.86
CA LYS C 198 -9.09 -19.69 3.56
C LYS C 198 -7.77 -20.01 4.27
N THR C 199 -7.87 -20.34 5.55
CA THR C 199 -6.69 -20.69 6.35
C THR C 199 -6.02 -21.96 5.83
N PHE C 200 -6.83 -22.90 5.34
CA PHE C 200 -6.27 -24.15 4.83
C PHE C 200 -5.86 -24.11 3.37
N ALA C 201 -6.36 -23.13 2.64
CA ALA C 201 -5.97 -22.98 1.25
C ALA C 201 -4.55 -22.42 1.36
N ASP C 202 -4.36 -21.55 2.34
CA ASP C 202 -3.07 -20.94 2.61
C ASP C 202 -2.10 -22.05 2.96
N PHE C 203 -2.53 -22.95 3.85
CA PHE C 203 -1.70 -24.08 4.26
C PHE C 203 -1.34 -24.91 3.04
N ALA C 204 -2.33 -25.09 2.15
CA ALA C 204 -2.14 -25.87 0.93
C ALA C 204 -1.09 -25.24 0.02
N ARG C 205 -1.09 -23.92 -0.03
CA ARG C 205 -0.15 -23.19 -0.89
C ARG C 205 1.29 -23.15 -0.36
N THR C 206 1.45 -22.92 0.94
CA THR C 206 2.78 -22.81 1.52
C THR C 206 3.41 -24.09 2.07
N VAL C 207 2.60 -25.09 2.40
CA VAL C 207 3.13 -26.34 2.91
C VAL C 207 2.64 -27.54 2.10
N GLY C 208 1.34 -27.60 1.84
CA GLY C 208 0.78 -28.69 1.07
C GLY C 208 0.29 -29.83 1.92
N PHE C 209 -0.88 -30.36 1.60
CA PHE C 209 -1.45 -31.46 2.37
C PHE C 209 -0.68 -32.78 2.29
N LYS C 210 0.27 -32.90 1.36
CA LYS C 210 1.01 -34.14 1.29
C LYS C 210 1.95 -34.27 2.48
N TYR C 211 1.99 -33.23 3.31
CA TYR C 211 2.85 -33.25 4.50
C TYR C 211 2.05 -33.35 5.78
N LEU C 212 0.72 -33.19 5.68
CA LEU C 212 -0.11 -33.29 6.86
C LEU C 212 -0.09 -34.73 7.33
N ARG C 213 0.35 -34.95 8.55
CA ARG C 213 0.41 -36.30 9.10
C ARG C 213 -0.38 -36.42 10.41
N GLY C 214 -1.09 -35.35 10.76
CA GLY C 214 -1.86 -35.38 11.99
C GLY C 214 -2.49 -34.03 12.30
N MET C 215 -3.43 -34.04 13.25
CA MET C 215 -4.13 -32.83 13.67
C MET C 215 -4.32 -32.83 15.18
N HIS C 216 -4.45 -31.64 15.73
CA HIS C 216 -4.70 -31.47 17.15
C HIS C 216 -5.94 -30.61 17.18
N LEU C 217 -7.06 -31.24 17.49
CA LEU C 217 -8.33 -30.54 17.55
C LEU C 217 -8.53 -29.95 18.93
N ASN C 218 -8.19 -28.68 19.06
CA ASN C 218 -8.34 -27.97 20.32
C ASN C 218 -9.10 -26.69 20.10
N ASP C 219 -9.95 -26.31 21.04
CA ASP C 219 -10.65 -25.05 20.92
C ASP C 219 -9.75 -24.11 21.69
N ALA C 220 -9.96 -22.81 21.56
CA ALA C 220 -9.10 -21.87 22.24
C ALA C 220 -9.71 -21.08 23.39
N LYS C 221 -8.94 -20.98 24.46
CA LYS C 221 -9.36 -20.19 25.60
C LYS C 221 -8.70 -18.85 25.32
N SER C 222 -7.55 -18.90 24.64
CA SER C 222 -6.83 -17.69 24.26
C SER C 222 -7.56 -17.09 23.07
N THR C 223 -7.21 -15.86 22.69
CA THR C 223 -7.87 -15.17 21.60
C THR C 223 -7.13 -15.05 20.26
N PHE C 224 -7.90 -14.78 19.22
CA PHE C 224 -7.38 -14.66 17.86
C PHE C 224 -6.14 -13.77 17.78
N GLY C 225 -5.03 -14.35 17.34
CA GLY C 225 -3.79 -13.60 17.21
C GLY C 225 -3.07 -13.30 18.51
N SER C 226 -3.58 -13.84 19.61
CA SER C 226 -2.98 -13.61 20.93
C SER C 226 -1.60 -14.22 21.04
N ARG C 227 -1.34 -15.26 20.26
CA ARG C 227 -0.06 -15.96 20.31
C ARG C 227 0.17 -16.46 21.72
N VAL C 228 -0.92 -16.96 22.29
CA VAL C 228 -0.93 -17.52 23.62
C VAL C 228 -1.47 -18.93 23.47
N ASP C 229 -0.74 -19.89 24.04
CA ASP C 229 -1.11 -21.28 23.95
C ASP C 229 -1.97 -21.70 25.13
N ARG C 230 -3.29 -21.64 24.95
CA ARG C 230 -4.23 -22.03 25.99
C ARG C 230 -5.43 -22.70 25.33
N HIS C 231 -5.54 -24.02 25.50
CA HIS C 231 -6.63 -24.78 24.91
C HIS C 231 -7.95 -24.67 25.68
N HIS C 232 -8.98 -25.28 25.10
CA HIS C 232 -10.32 -25.33 25.69
C HIS C 232 -11.12 -26.44 25.01
N SER C 233 -12.14 -26.93 25.69
CA SER C 233 -13.00 -27.98 25.17
C SER C 233 -13.70 -27.50 23.88
N LEU C 234 -14.00 -28.44 23.00
CA LEU C 234 -14.64 -28.11 21.74
C LEU C 234 -15.97 -27.34 21.90
N GLY C 235 -16.02 -26.12 21.36
CA GLY C 235 -17.25 -25.34 21.44
C GLY C 235 -17.39 -24.44 22.66
N GLU C 236 -16.46 -24.54 23.60
CA GLU C 236 -16.49 -23.74 24.80
C GLU C 236 -15.49 -22.58 24.66
N GLY C 237 -14.74 -22.58 23.57
CA GLY C 237 -13.74 -21.55 23.35
C GLY C 237 -13.99 -20.56 22.24
N ASN C 238 -13.03 -19.67 22.05
CA ASN C 238 -13.12 -18.61 21.04
C ASN C 238 -13.21 -19.06 19.58
N ILE C 239 -12.86 -20.30 19.29
CA ILE C 239 -12.94 -20.81 17.92
C ILE C 239 -14.35 -21.28 17.59
N GLY C 240 -14.96 -22.05 18.49
CA GLY C 240 -16.30 -22.54 18.25
C GLY C 240 -16.33 -23.90 17.60
N HIS C 241 -17.52 -24.51 17.53
CA HIS C 241 -17.68 -25.84 16.97
C HIS C 241 -17.67 -25.90 15.44
N ASP C 242 -18.09 -24.82 14.80
CA ASP C 242 -18.14 -24.79 13.34
C ASP C 242 -16.88 -25.35 12.70
N ALA C 243 -15.72 -24.87 13.15
CA ALA C 243 -14.44 -25.31 12.61
C ALA C 243 -14.25 -26.83 12.69
N PHE C 244 -14.57 -27.40 13.84
CA PHE C 244 -14.42 -28.83 14.05
C PHE C 244 -15.37 -29.67 13.21
N ARG C 245 -16.57 -29.16 12.96
CA ARG C 245 -17.53 -29.87 12.13
C ARG C 245 -16.98 -29.76 10.72
N TRP C 246 -16.60 -28.54 10.33
CA TRP C 246 -16.04 -28.29 9.02
C TRP C 246 -14.94 -29.31 8.74
N ILE C 247 -13.98 -29.39 9.67
CA ILE C 247 -12.87 -30.33 9.54
C ILE C 247 -13.36 -31.76 9.37
N MET C 248 -14.30 -32.18 10.20
CA MET C 248 -14.83 -33.53 10.11
C MET C 248 -15.46 -33.87 8.77
N GLN C 249 -15.91 -32.85 8.03
CA GLN C 249 -16.53 -33.09 6.72
C GLN C 249 -15.62 -32.86 5.52
N ASP C 250 -14.34 -32.55 5.78
CA ASP C 250 -13.38 -32.32 4.72
C ASP C 250 -12.48 -33.56 4.59
N ASP C 251 -12.54 -34.23 3.44
CA ASP C 251 -11.76 -35.44 3.23
C ASP C 251 -10.26 -35.24 3.12
N ARG C 252 -9.81 -34.00 3.19
CA ARG C 252 -8.38 -33.73 3.11
C ARG C 252 -7.74 -34.11 4.45
N PHE C 253 -8.58 -34.42 5.43
CA PHE C 253 -8.09 -34.79 6.76
C PHE C 253 -8.34 -36.27 7.08
N ASP C 254 -8.25 -37.13 6.07
CA ASP C 254 -8.45 -38.56 6.28
C ASP C 254 -7.13 -39.31 6.40
N GLY C 255 -7.21 -40.49 7.02
CA GLY C 255 -6.03 -41.33 7.19
C GLY C 255 -4.95 -40.80 8.10
N ILE C 256 -5.31 -39.92 9.04
CA ILE C 256 -4.34 -39.35 9.97
C ILE C 256 -4.94 -39.24 11.36
N PRO C 257 -4.07 -39.24 12.38
CA PRO C 257 -4.50 -39.13 13.78
C PRO C 257 -5.03 -37.73 14.12
N LEU C 258 -6.31 -37.64 14.45
CA LEU C 258 -6.91 -36.36 14.82
C LEU C 258 -7.00 -36.45 16.34
N ILE C 259 -6.09 -35.78 17.02
CA ILE C 259 -6.00 -35.85 18.46
C ILE C 259 -6.56 -34.68 19.25
N LEU C 260 -7.36 -35.00 20.28
CA LEU C 260 -7.94 -33.99 21.16
C LEU C 260 -6.95 -33.72 22.30
N GLN C 261 -6.79 -32.44 22.65
CA GLN C 261 -5.93 -32.06 23.75
C GLN C 261 -6.72 -31.02 24.55
N THR C 262 -8.04 -31.13 24.48
CA THR C 262 -8.97 -30.24 25.16
C THR C 262 -8.78 -30.37 26.67
N ILE C 263 -9.01 -29.27 27.38
CA ILE C 263 -8.77 -29.21 28.82
C ILE C 263 -9.47 -30.13 29.82
N ASN C 264 -10.60 -30.72 29.44
CA ASN C 264 -11.28 -31.64 30.35
C ASN C 264 -11.37 -33.04 29.76
N PRO C 265 -10.43 -33.93 30.16
CA PRO C 265 -10.35 -35.32 29.68
C PRO C 265 -11.60 -36.13 29.97
N ASP C 266 -12.28 -35.82 31.07
CA ASP C 266 -13.48 -36.55 31.44
C ASP C 266 -14.56 -36.56 30.38
N ILE C 267 -14.57 -35.56 29.51
CA ILE C 267 -15.58 -35.52 28.45
C ILE C 267 -14.99 -35.85 27.08
N TRP C 268 -13.86 -36.56 27.06
CA TRP C 268 -13.23 -36.92 25.79
C TRP C 268 -14.08 -37.90 25.00
N ALA C 269 -14.76 -38.79 25.72
CA ALA C 269 -15.62 -39.78 25.11
C ALA C 269 -16.76 -39.08 24.38
N GLU C 270 -17.35 -38.08 25.02
CA GLU C 270 -18.43 -37.35 24.38
C GLU C 270 -17.90 -36.51 23.20
N GLU C 271 -16.73 -35.89 23.40
CA GLU C 271 -16.17 -35.08 22.33
C GLU C 271 -15.82 -35.94 21.13
N ILE C 272 -15.21 -37.10 21.38
CA ILE C 272 -14.85 -38.00 20.30
C ILE C 272 -16.11 -38.43 19.57
N ALA C 273 -17.16 -38.74 20.34
CA ALA C 273 -18.42 -39.17 19.74
C ALA C 273 -19.03 -38.05 18.91
N TRP C 274 -19.07 -36.84 19.46
CA TRP C 274 -19.63 -35.69 18.76
C TRP C 274 -18.91 -35.44 17.44
N LEU C 275 -17.58 -35.50 17.46
CA LEU C 275 -16.78 -35.30 16.26
C LEU C 275 -17.16 -36.30 15.17
N LYS C 276 -17.26 -37.58 15.55
CA LYS C 276 -17.62 -38.61 14.60
C LYS C 276 -18.99 -38.30 14.01
N ALA C 277 -19.92 -37.92 14.88
CA ALA C 277 -21.28 -37.60 14.46
C ALA C 277 -21.34 -36.45 13.46
N GLN C 278 -20.23 -35.72 13.31
CA GLN C 278 -20.21 -34.58 12.39
C GLN C 278 -19.91 -34.95 10.95
N GLN C 279 -19.43 -36.16 10.71
CA GLN C 279 -19.12 -36.56 9.35
C GLN C 279 -20.35 -36.68 8.46
N MET D 1 -7.36 38.51 -35.27
CA MET D 1 -7.03 37.06 -35.19
C MET D 1 -6.91 36.59 -33.76
N LYS D 2 -7.16 35.30 -33.55
CA LYS D 2 -7.06 34.70 -32.23
C LYS D 2 -6.03 33.59 -32.23
N TYR D 3 -5.20 33.56 -31.19
CA TYR D 3 -4.18 32.52 -31.04
C TYR D 3 -4.71 31.54 -30.00
N ILE D 4 -4.76 30.25 -30.38
CA ILE D 4 -5.31 29.21 -29.51
C ILE D 4 -4.43 27.98 -29.30
N GLY D 5 -4.33 27.56 -28.04
CA GLY D 5 -3.52 26.41 -27.72
C GLY D 5 -3.74 25.90 -26.29
N ALA D 6 -2.70 25.26 -25.75
CA ALA D 6 -2.75 24.72 -24.41
C ALA D 6 -1.40 24.83 -23.72
N HIS D 7 -1.42 24.64 -22.40
CA HIS D 7 -0.20 24.69 -21.60
C HIS D 7 0.49 23.33 -21.68
N VAL D 8 1.23 23.12 -22.76
CA VAL D 8 1.91 21.85 -23.00
C VAL D 8 3.14 21.63 -22.12
N SER D 9 3.62 20.39 -22.11
CA SER D 9 4.79 20.03 -21.31
C SER D 9 6.07 20.48 -21.96
N ALA D 10 7.08 20.70 -21.13
CA ALA D 10 8.39 21.10 -21.58
C ALA D 10 9.40 20.00 -21.25
N ALA D 11 8.91 18.81 -20.91
CA ALA D 11 9.80 17.71 -20.59
C ALA D 11 10.74 17.43 -21.75
N GLY D 12 11.99 17.12 -21.44
CA GLY D 12 12.96 16.83 -22.49
C GLY D 12 13.62 18.06 -23.08
N GLY D 13 13.11 19.25 -22.76
CA GLY D 13 13.68 20.47 -23.31
C GLY D 13 12.63 21.44 -23.77
N LEU D 14 12.86 22.73 -23.52
CA LEU D 14 11.94 23.79 -23.89
C LEU D 14 11.44 23.71 -25.33
N ALA D 15 12.32 23.37 -26.25
CA ALA D 15 11.94 23.27 -27.66
C ALA D 15 10.82 22.25 -27.83
N ASN D 16 10.81 21.20 -27.01
CA ASN D 16 9.76 20.20 -27.10
C ASN D 16 8.40 20.83 -26.90
N ALA D 17 8.36 21.91 -26.10
CA ALA D 17 7.10 22.60 -25.86
C ALA D 17 6.52 23.10 -27.19
N ALA D 18 7.38 23.64 -28.04
CA ALA D 18 6.94 24.15 -29.32
C ALA D 18 6.51 23.03 -30.29
N ILE D 19 7.17 21.88 -30.19
CA ILE D 19 6.85 20.74 -31.05
C ILE D 19 5.54 20.09 -30.62
N ARG D 20 5.29 20.10 -29.31
CA ARG D 20 4.08 19.52 -28.78
C ARG D 20 2.90 20.39 -29.21
N ALA D 21 3.09 21.70 -29.15
CA ALA D 21 2.05 22.61 -29.55
C ALA D 21 1.66 22.31 -30.99
N ALA D 22 2.67 22.29 -31.86
CA ALA D 22 2.47 22.04 -33.28
C ALA D 22 1.77 20.70 -33.47
N GLU D 23 2.15 19.71 -32.67
CA GLU D 23 1.54 18.37 -32.77
C GLU D 23 0.03 18.43 -32.66
N ILE D 24 -0.48 19.33 -31.80
CA ILE D 24 -1.92 19.46 -31.63
C ILE D 24 -2.49 20.61 -32.46
N ASP D 25 -1.71 21.06 -33.44
CA ASP D 25 -2.10 22.13 -34.35
C ASP D 25 -2.57 23.40 -33.64
N ALA D 26 -1.86 23.76 -32.57
CA ALA D 26 -2.18 24.94 -31.78
C ALA D 26 -1.54 26.17 -32.40
N THR D 27 -2.19 27.33 -32.25
CA THR D 27 -1.64 28.58 -32.77
C THR D 27 -1.11 29.44 -31.61
N ALA D 28 -0.90 28.80 -30.47
CA ALA D 28 -0.39 29.45 -29.26
C ALA D 28 -0.14 28.37 -28.21
N PHE D 29 0.68 28.66 -27.21
CA PHE D 29 0.93 27.69 -26.15
C PHE D 29 1.54 28.31 -24.91
N ALA D 30 1.48 27.56 -23.82
CA ALA D 30 2.03 27.99 -22.55
C ALA D 30 3.03 26.95 -22.10
N LEU D 31 3.88 27.34 -21.16
CA LEU D 31 4.88 26.44 -20.63
C LEU D 31 5.54 27.04 -19.39
N PHE D 32 6.26 26.20 -18.67
CA PHE D 32 7.02 26.63 -17.51
C PHE D 32 8.45 26.55 -18.05
N THR D 33 9.28 27.55 -17.82
CA THR D 33 10.65 27.47 -18.33
C THR D 33 11.55 26.66 -17.40
N LYS D 34 10.99 26.20 -16.29
CA LYS D 34 11.72 25.40 -15.32
C LYS D 34 10.71 24.71 -14.40
N ASN D 35 11.14 23.68 -13.66
CA ASN D 35 10.23 22.95 -12.77
C ASN D 35 9.43 23.88 -11.85
N GLN D 36 8.10 23.83 -12.00
CA GLN D 36 7.18 24.66 -11.21
C GLN D 36 7.16 24.37 -9.72
N ARG D 37 7.76 23.26 -9.30
CA ARG D 37 7.75 22.91 -7.89
C ARG D 37 9.14 22.94 -7.27
N GLN D 38 10.05 23.67 -7.91
CA GLN D 38 11.41 23.79 -7.41
C GLN D 38 11.83 25.25 -7.51
N TRP D 39 12.53 25.74 -6.50
CA TRP D 39 12.96 27.15 -6.49
C TRP D 39 14.06 27.44 -7.49
N ARG D 40 15.00 26.51 -7.58
CA ARG D 40 16.16 26.66 -8.44
C ARG D 40 16.22 25.69 -9.60
N ALA D 41 16.88 26.12 -10.67
CA ALA D 41 17.05 25.31 -11.87
C ALA D 41 18.38 25.65 -12.51
N ALA D 42 18.92 24.72 -13.29
CA ALA D 42 20.19 24.99 -13.95
C ALA D 42 19.97 26.12 -14.95
N PRO D 43 21.03 26.88 -15.26
CA PRO D 43 20.94 27.99 -16.22
C PRO D 43 20.69 27.48 -17.62
N LEU D 44 20.08 28.32 -18.45
CA LEU D 44 19.81 27.96 -19.83
C LEU D 44 21.12 28.05 -20.62
N THR D 45 21.31 27.13 -21.56
CA THR D 45 22.50 27.12 -22.38
C THR D 45 22.16 27.85 -23.67
N THR D 46 23.18 28.42 -24.31
CA THR D 46 22.98 29.13 -25.56
C THR D 46 22.31 28.20 -26.55
N GLN D 47 22.59 26.91 -26.43
CA GLN D 47 22.01 25.91 -27.32
C GLN D 47 20.51 25.79 -27.04
N THR D 48 20.14 25.59 -25.77
CA THR D 48 18.73 25.47 -25.41
C THR D 48 17.94 26.64 -26.00
N ILE D 49 18.47 27.84 -25.80
CA ILE D 49 17.86 29.07 -26.27
C ILE D 49 17.75 29.09 -27.78
N ASP D 50 18.84 28.76 -28.46
CA ASP D 50 18.86 28.76 -29.91
C ASP D 50 17.87 27.75 -30.48
N GLU D 51 17.96 26.50 -30.03
CA GLU D 51 17.05 25.47 -30.51
C GLU D 51 15.60 25.79 -30.18
N PHE D 52 15.37 26.50 -29.08
CA PHE D 52 14.01 26.87 -28.71
C PHE D 52 13.44 27.87 -29.71
N LYS D 53 14.22 28.91 -30.00
CA LYS D 53 13.81 29.94 -30.94
C LYS D 53 13.61 29.35 -32.34
N ALA D 54 14.46 28.38 -32.68
CA ALA D 54 14.40 27.71 -33.97
C ALA D 54 13.14 26.86 -34.08
N ALA D 55 12.72 26.25 -32.99
CA ALA D 55 11.51 25.42 -33.01
C ALA D 55 10.30 26.34 -33.13
N CYS D 56 10.34 27.45 -32.39
CA CYS D 56 9.24 28.40 -32.44
C CYS D 56 9.08 28.97 -33.85
N GLU D 57 10.19 29.27 -34.52
CA GLU D 57 10.11 29.80 -35.88
C GLU D 57 9.53 28.77 -36.83
N LYS D 58 10.11 27.58 -36.81
CA LYS D 58 9.67 26.49 -37.66
C LYS D 58 8.16 26.26 -37.55
N TYR D 59 7.68 26.13 -36.32
CA TYR D 59 6.27 25.87 -36.09
C TYR D 59 5.35 27.08 -36.03
N HIS D 60 5.91 28.25 -36.36
CA HIS D 60 5.13 29.48 -36.43
C HIS D 60 4.55 30.05 -35.14
N TYR D 61 5.43 30.32 -34.18
CA TYR D 61 5.03 30.88 -32.91
C TYR D 61 5.97 32.02 -32.59
N THR D 62 5.45 33.24 -32.47
CA THR D 62 6.30 34.37 -32.10
C THR D 62 6.05 34.55 -30.60
N SER D 63 6.75 35.49 -30.01
CA SER D 63 6.60 35.75 -28.59
C SER D 63 5.14 36.03 -28.25
N ALA D 64 4.44 36.68 -29.17
CA ALA D 64 3.04 37.06 -28.99
C ALA D 64 2.09 35.87 -28.84
N GLN D 65 2.55 34.68 -29.25
CA GLN D 65 1.74 33.47 -29.19
C GLN D 65 2.09 32.54 -28.04
N ILE D 66 3.08 32.92 -27.25
CA ILE D 66 3.52 32.12 -26.13
C ILE D 66 3.29 32.83 -24.80
N LEU D 67 2.80 32.07 -23.83
CA LEU D 67 2.53 32.60 -22.50
C LEU D 67 3.24 31.74 -21.46
N PRO D 68 4.45 32.14 -21.08
CA PRO D 68 5.13 31.32 -20.07
C PRO D 68 4.57 31.55 -18.66
N HIS D 69 4.71 30.55 -17.78
CA HIS D 69 4.21 30.67 -16.42
C HIS D 69 5.30 30.45 -15.39
N ASP D 70 5.23 31.21 -14.30
CA ASP D 70 6.22 31.08 -13.23
C ASP D 70 5.83 29.92 -12.30
N SER D 71 6.68 29.61 -11.33
CA SER D 71 6.42 28.49 -10.44
C SER D 71 5.26 28.71 -9.47
N TYR D 72 4.76 27.61 -8.91
CA TYR D 72 3.66 27.65 -7.95
C TYR D 72 4.20 28.06 -6.60
N LEU D 73 5.51 28.08 -6.45
CA LEU D 73 6.14 28.39 -5.18
C LEU D 73 6.28 29.85 -4.85
N ILE D 74 6.33 30.69 -5.89
CA ILE D 74 6.49 32.12 -5.69
C ILE D 74 5.24 32.82 -5.13
N ASN D 75 5.46 33.68 -4.14
CA ASN D 75 4.39 34.45 -3.50
C ASN D 75 4.91 35.88 -3.38
N LEU D 76 4.57 36.71 -4.37
CA LEU D 76 5.00 38.10 -4.43
C LEU D 76 4.34 39.02 -3.40
N GLY D 77 3.51 38.45 -2.54
CA GLY D 77 2.85 39.23 -1.51
C GLY D 77 3.08 38.57 -0.17
N HIS D 78 4.16 37.80 -0.07
CA HIS D 78 4.47 37.09 1.16
C HIS D 78 4.67 38.04 2.34
N PRO D 79 4.00 37.75 3.46
CA PRO D 79 4.08 38.55 4.68
C PRO D 79 5.45 38.55 5.34
N VAL D 80 6.12 37.40 5.33
CA VAL D 80 7.45 37.26 5.92
C VAL D 80 8.55 37.72 4.97
N THR D 81 9.26 38.77 5.34
CA THR D 81 10.32 39.33 4.51
C THR D 81 11.20 38.30 3.79
N GLU D 82 11.98 37.54 4.56
CA GLU D 82 12.86 36.53 3.98
C GLU D 82 12.15 35.67 2.93
N ALA D 83 10.94 35.22 3.26
CA ALA D 83 10.16 34.39 2.34
C ALA D 83 9.78 35.20 1.11
N LEU D 84 9.53 36.49 1.34
CA LEU D 84 9.16 37.41 0.27
C LEU D 84 10.34 37.65 -0.66
N GLU D 85 11.50 37.90 -0.05
CA GLU D 85 12.71 38.16 -0.81
C GLU D 85 13.13 36.96 -1.64
N LYS D 86 12.82 35.76 -1.16
CA LYS D 86 13.16 34.55 -1.91
C LYS D 86 12.26 34.50 -3.14
N SER D 87 10.98 34.74 -2.94
CA SER D 87 10.04 34.71 -4.04
C SER D 87 10.40 35.72 -5.11
N ARG D 88 10.89 36.88 -4.68
CA ARG D 88 11.27 37.93 -5.63
C ARG D 88 12.50 37.52 -6.42
N ASP D 89 13.46 36.89 -5.74
CA ASP D 89 14.67 36.43 -6.41
C ASP D 89 14.27 35.42 -7.47
N ALA D 90 13.29 34.58 -7.14
CA ALA D 90 12.82 33.56 -8.07
C ALA D 90 12.08 34.21 -9.22
N PHE D 91 11.22 35.18 -8.91
CA PHE D 91 10.45 35.86 -9.93
C PHE D 91 11.39 36.53 -10.93
N ILE D 92 12.41 37.20 -10.42
CA ILE D 92 13.37 37.88 -11.27
C ILE D 92 14.06 36.89 -12.17
N ASP D 93 14.31 35.70 -11.63
CA ASP D 93 14.96 34.64 -12.39
C ASP D 93 14.07 34.14 -13.50
N GLU D 94 12.79 33.95 -13.17
CA GLU D 94 11.79 33.48 -14.13
C GLU D 94 11.66 34.50 -15.25
N MET D 95 11.75 35.77 -14.90
CA MET D 95 11.61 36.84 -15.87
C MET D 95 12.86 36.96 -16.73
N GLN D 96 14.01 36.68 -16.13
CA GLN D 96 15.26 36.74 -16.85
C GLN D 96 15.36 35.59 -17.85
N ARG D 97 14.82 34.44 -17.46
CA ARG D 97 14.85 33.28 -18.34
C ARG D 97 14.01 33.66 -19.56
N CYS D 98 12.96 34.43 -19.35
CA CYS D 98 12.12 34.87 -20.45
C CYS D 98 12.90 35.82 -21.36
N GLU D 99 13.65 36.73 -20.76
CA GLU D 99 14.46 37.66 -21.55
C GLU D 99 15.39 36.85 -22.43
N GLN D 100 16.09 35.91 -21.82
CA GLN D 100 17.04 35.03 -22.52
C GLN D 100 16.41 34.25 -23.68
N LEU D 101 15.19 33.78 -23.48
CA LEU D 101 14.48 32.99 -24.50
C LEU D 101 13.74 33.81 -25.54
N GLY D 102 13.76 35.12 -25.42
CA GLY D 102 13.06 35.94 -26.39
C GLY D 102 11.56 35.95 -26.13
N LEU D 103 11.17 35.54 -24.93
CA LEU D 103 9.76 35.52 -24.55
C LEU D 103 9.42 36.89 -23.96
N SER D 104 8.28 37.43 -24.33
CA SER D 104 7.90 38.76 -23.84
C SER D 104 6.78 38.82 -22.79
N LEU D 105 6.24 37.66 -22.42
CA LEU D 105 5.16 37.63 -21.44
C LEU D 105 5.49 36.64 -20.32
N LEU D 106 4.92 36.86 -19.15
CA LEU D 106 5.13 35.94 -18.02
C LEU D 106 3.89 35.98 -17.14
N ASN D 107 3.16 34.87 -17.13
CA ASN D 107 1.95 34.73 -16.34
C ASN D 107 2.29 34.25 -14.94
N PHE D 108 1.65 34.85 -13.95
CA PHE D 108 1.91 34.49 -12.56
C PHE D 108 0.75 34.78 -11.63
N HIS D 109 0.68 33.99 -10.55
CA HIS D 109 -0.33 34.11 -9.50
C HIS D 109 0.09 35.30 -8.64
N PRO D 110 -0.82 36.26 -8.42
CA PRO D 110 -0.48 37.45 -7.60
C PRO D 110 0.17 37.20 -6.25
N GLY D 111 -0.51 36.50 -5.36
CA GLY D 111 0.05 36.24 -4.05
C GLY D 111 -0.97 35.89 -2.99
N SER D 112 -0.50 35.70 -1.76
CA SER D 112 -1.38 35.34 -0.66
C SER D 112 -0.96 36.09 0.60
N HIS D 113 -1.93 36.54 1.39
CA HIS D 113 -1.59 37.25 2.62
C HIS D 113 -1.32 36.30 3.78
N LEU D 114 -1.77 35.06 3.63
CA LEU D 114 -1.57 34.03 4.65
C LEU D 114 -2.15 34.44 6.01
N MET D 115 -3.01 35.45 6.01
CA MET D 115 -3.62 35.94 7.24
C MET D 115 -2.62 36.65 8.15
N GLN D 116 -1.51 37.10 7.57
CA GLN D 116 -0.46 37.79 8.33
C GLN D 116 -0.42 39.28 8.04
N ILE D 117 -0.95 39.68 6.89
CA ILE D 117 -0.94 41.07 6.49
C ILE D 117 -2.28 41.44 5.85
N SER D 118 -2.62 42.72 5.87
CA SER D 118 -3.87 43.17 5.29
C SER D 118 -3.82 43.08 3.77
N GLU D 119 -4.99 43.08 3.13
CA GLU D 119 -5.08 43.00 1.67
C GLU D 119 -4.38 44.20 1.03
N GLU D 120 -4.56 45.37 1.61
CA GLU D 120 -3.93 46.58 1.10
C GLU D 120 -2.43 46.38 0.98
N ASP D 121 -1.79 45.95 2.05
CA ASP D 121 -0.34 45.73 2.05
C ASP D 121 0.10 44.61 1.12
N CYS D 122 -0.56 43.46 1.22
CA CYS D 122 -0.21 42.32 0.37
C CYS D 122 -0.17 42.79 -1.08
N LEU D 123 -1.24 43.43 -1.51
CA LEU D 123 -1.35 43.95 -2.87
C LEU D 123 -0.29 44.99 -3.21
N ALA D 124 0.05 45.82 -2.25
CA ALA D 124 1.06 46.85 -2.47
C ALA D 124 2.42 46.19 -2.55
N ARG D 125 2.56 45.09 -1.82
CA ARG D 125 3.79 44.32 -1.80
C ARG D 125 4.00 43.62 -3.15
N ILE D 126 2.89 43.17 -3.74
CA ILE D 126 2.93 42.49 -5.02
C ILE D 126 3.37 43.45 -6.12
N ALA D 127 2.74 44.62 -6.14
CA ALA D 127 3.06 45.63 -7.13
C ALA D 127 4.55 45.95 -7.00
N GLU D 128 4.99 46.07 -5.76
CA GLU D 128 6.38 46.36 -5.43
C GLU D 128 7.26 45.28 -6.08
N SER D 129 6.91 44.03 -5.84
CA SER D 129 7.66 42.90 -6.41
C SER D 129 7.77 43.12 -7.91
N ILE D 130 6.62 43.41 -8.53
CA ILE D 130 6.58 43.64 -9.96
C ILE D 130 7.56 44.73 -10.35
N ASN D 131 7.43 45.90 -9.71
CA ASN D 131 8.31 47.02 -10.01
C ASN D 131 9.78 46.61 -9.97
N ILE D 132 10.18 45.92 -8.90
CA ILE D 132 11.54 45.47 -8.75
C ILE D 132 11.94 44.58 -9.93
N ALA D 133 11.01 43.74 -10.36
CA ALA D 133 11.24 42.82 -11.48
C ALA D 133 11.41 43.54 -12.81
N LEU D 134 10.56 44.54 -13.07
CA LEU D 134 10.63 45.29 -14.32
C LEU D 134 11.87 46.17 -14.31
N ASP D 135 12.27 46.55 -13.10
CA ASP D 135 13.43 47.40 -12.90
C ASP D 135 14.73 46.67 -13.24
N LYS D 136 14.74 45.35 -13.08
CA LYS D 136 15.94 44.57 -13.35
C LYS D 136 15.91 43.73 -14.64
N THR D 137 14.91 43.96 -15.48
CA THR D 137 14.81 43.21 -16.73
C THR D 137 14.34 44.11 -17.87
N GLN D 138 14.29 43.55 -19.08
CA GLN D 138 13.85 44.32 -20.25
C GLN D 138 12.88 43.54 -21.13
N GLY D 139 11.93 44.26 -21.72
CA GLY D 139 10.97 43.65 -22.62
C GLY D 139 10.09 42.51 -22.17
N VAL D 140 9.87 42.36 -20.87
CA VAL D 140 9.02 41.28 -20.38
C VAL D 140 7.89 41.88 -19.54
N THR D 141 6.66 41.64 -19.96
CA THR D 141 5.50 42.17 -19.25
C THR D 141 5.02 41.19 -18.21
N ALA D 142 4.83 41.67 -16.99
CA ALA D 142 4.34 40.84 -15.89
C ALA D 142 2.83 40.70 -16.04
N VAL D 143 2.37 39.47 -16.28
CA VAL D 143 0.95 39.22 -16.48
C VAL D 143 0.27 38.64 -15.25
N ILE D 144 -0.47 39.49 -14.55
CA ILE D 144 -1.19 39.09 -13.34
C ILE D 144 -2.43 38.26 -13.67
N GLU D 145 -2.46 37.01 -13.24
CA GLU D 145 -3.60 36.14 -13.49
C GLU D 145 -4.65 36.29 -12.37
N ASN D 146 -5.93 36.25 -12.72
CA ASN D 146 -6.96 36.33 -11.68
C ASN D 146 -6.94 34.94 -11.04
N THR D 147 -7.46 34.84 -9.83
CA THR D 147 -7.43 33.56 -9.13
C THR D 147 -8.82 33.13 -8.71
N ALA D 148 -8.92 31.90 -8.22
CA ALA D 148 -10.20 31.37 -7.75
C ALA D 148 -10.53 31.92 -6.38
N GLY D 149 -9.48 32.29 -5.65
CA GLY D 149 -9.67 32.83 -4.31
C GLY D 149 -9.53 31.80 -3.21
N GLN D 150 -8.62 30.84 -3.40
CA GLN D 150 -8.41 29.82 -2.39
C GLN D 150 -7.65 30.43 -1.22
N GLY D 151 -7.99 29.99 -0.01
CA GLY D 151 -7.32 30.46 1.18
C GLY D 151 -7.14 31.95 1.24
N SER D 152 -5.90 32.39 1.38
CA SER D 152 -5.60 33.81 1.44
C SER D 152 -5.11 34.30 0.09
N ASN D 153 -5.41 33.54 -0.97
CA ASN D 153 -5.01 33.90 -2.33
C ASN D 153 -5.73 35.15 -2.79
N LEU D 154 -4.98 36.17 -3.15
CA LEU D 154 -5.60 37.40 -3.64
C LEU D 154 -5.75 37.35 -5.15
N GLY D 155 -6.39 38.36 -5.73
CA GLY D 155 -6.55 38.39 -7.17
C GLY D 155 -7.82 37.72 -7.71
N PHE D 156 -8.80 37.50 -6.85
CA PHE D 156 -10.04 36.87 -7.29
C PHE D 156 -11.07 37.91 -7.64
N LYS D 157 -10.74 39.17 -7.33
CA LYS D 157 -11.60 40.31 -7.65
C LYS D 157 -10.88 41.13 -8.70
N PHE D 158 -11.63 41.65 -9.67
CA PHE D 158 -11.02 42.46 -10.72
C PHE D 158 -10.38 43.68 -10.06
N GLU D 159 -11.00 44.15 -8.98
CA GLU D 159 -10.50 45.31 -8.26
C GLU D 159 -9.09 45.07 -7.75
N HIS D 160 -8.80 43.83 -7.38
CA HIS D 160 -7.47 43.44 -6.90
C HIS D 160 -6.45 43.74 -7.98
N LEU D 161 -6.71 43.25 -9.18
CA LEU D 161 -5.80 43.44 -10.29
C LEU D 161 -5.56 44.94 -10.50
N ALA D 162 -6.64 45.69 -10.73
CA ALA D 162 -6.54 47.13 -10.95
C ALA D 162 -5.65 47.76 -9.88
N ALA D 163 -5.84 47.32 -8.64
CA ALA D 163 -5.08 47.84 -7.48
C ALA D 163 -3.58 47.64 -7.68
N ILE D 164 -3.21 46.43 -8.13
CA ILE D 164 -1.82 46.11 -8.37
C ILE D 164 -1.28 46.89 -9.56
N ILE D 165 -2.02 46.92 -10.67
CA ILE D 165 -1.56 47.66 -11.83
C ILE D 165 -1.33 49.11 -11.44
N ASP D 166 -2.16 49.58 -10.52
CA ASP D 166 -2.10 50.94 -9.99
C ASP D 166 -0.74 51.26 -9.39
N GLY D 167 -0.28 50.41 -8.48
CA GLY D 167 1.00 50.62 -7.83
C GLY D 167 2.21 50.25 -8.66
N VAL D 168 1.98 49.93 -9.94
CA VAL D 168 3.08 49.57 -10.82
C VAL D 168 3.50 50.84 -11.55
N GLU D 169 4.80 51.11 -11.57
CA GLU D 169 5.33 52.30 -12.22
C GLU D 169 5.20 52.25 -13.73
N ASP D 170 5.90 51.30 -14.36
CA ASP D 170 5.86 51.17 -15.81
C ASP D 170 4.65 50.36 -16.25
N LYS D 171 3.54 51.08 -16.49
CA LYS D 171 2.29 50.48 -16.92
C LYS D 171 2.44 49.71 -18.23
N SER D 172 3.43 50.06 -19.02
CA SER D 172 3.65 49.41 -20.31
C SER D 172 4.04 47.93 -20.21
N ARG D 173 4.67 47.52 -19.12
CA ARG D 173 5.07 46.12 -18.97
C ARG D 173 4.31 45.34 -17.92
N VAL D 174 3.03 45.64 -17.76
CA VAL D 174 2.19 44.94 -16.80
C VAL D 174 0.87 44.59 -17.48
N GLY D 175 0.38 43.38 -17.23
CA GLY D 175 -0.87 42.95 -17.82
C GLY D 175 -1.62 41.96 -16.96
N VAL D 176 -2.75 41.49 -17.49
CA VAL D 176 -3.55 40.52 -16.76
C VAL D 176 -3.94 39.40 -17.71
N CYS D 177 -4.27 38.26 -17.12
CA CYS D 177 -4.70 37.10 -17.87
C CYS D 177 -5.95 36.62 -17.15
N ILE D 178 -7.03 36.42 -17.91
CA ILE D 178 -8.26 35.96 -17.27
C ILE D 178 -8.48 34.47 -17.49
N ASP D 179 -8.56 33.75 -16.37
CA ASP D 179 -8.78 32.31 -16.35
C ASP D 179 -10.25 32.14 -16.08
N THR D 180 -10.98 31.62 -17.06
CA THR D 180 -12.42 31.45 -16.90
C THR D 180 -12.80 30.67 -15.65
N CYS D 181 -12.11 29.56 -15.38
CA CYS D 181 -12.43 28.78 -14.20
C CYS D 181 -12.26 29.62 -12.93
N HIS D 182 -11.14 30.34 -12.85
CA HIS D 182 -10.88 31.17 -11.67
C HIS D 182 -11.96 32.22 -11.47
N ALA D 183 -12.35 32.89 -12.55
CA ALA D 183 -13.39 33.91 -12.47
C ALA D 183 -14.70 33.32 -11.95
N PHE D 184 -15.06 32.17 -12.49
CA PHE D 184 -16.28 31.45 -12.10
C PHE D 184 -16.21 31.10 -10.63
N ALA D 185 -15.12 30.47 -10.22
CA ALA D 185 -14.94 30.09 -8.82
C ALA D 185 -15.09 31.30 -7.92
N ALA D 186 -14.61 32.44 -8.38
CA ALA D 186 -14.67 33.68 -7.62
C ALA D 186 -16.06 34.30 -7.55
N GLY D 187 -16.96 33.88 -8.45
CA GLY D 187 -18.30 34.44 -8.42
C GLY D 187 -18.68 35.28 -9.64
N TYR D 188 -17.86 35.24 -10.68
CA TYR D 188 -18.17 35.97 -11.91
C TYR D 188 -18.81 34.94 -12.81
N ASP D 189 -20.13 35.03 -12.99
CA ASP D 189 -20.86 34.07 -13.82
C ASP D 189 -20.51 34.12 -15.31
N LEU D 190 -20.51 32.96 -15.94
CA LEU D 190 -20.19 32.81 -17.37
C LEU D 190 -21.10 31.77 -18.01
N ARG D 191 -22.04 31.24 -17.23
CA ARG D 191 -22.94 30.21 -17.71
C ARG D 191 -23.87 30.61 -18.85
N THR D 192 -23.95 31.90 -19.15
CA THR D 192 -24.79 32.35 -20.26
C THR D 192 -24.11 33.50 -20.96
N PRO D 193 -24.40 33.68 -22.26
CA PRO D 193 -23.79 34.79 -23.02
C PRO D 193 -24.08 36.10 -22.30
N ALA D 194 -25.27 36.19 -21.73
CA ALA D 194 -25.69 37.39 -21.02
C ALA D 194 -24.78 37.65 -19.83
N GLU D 195 -24.48 36.59 -19.08
CA GLU D 195 -23.59 36.71 -17.93
C GLU D 195 -22.16 37.00 -18.35
N CYS D 196 -21.75 36.45 -19.50
CA CYS D 196 -20.40 36.70 -20.02
C CYS D 196 -20.30 38.18 -20.36
N GLU D 197 -21.33 38.70 -21.01
CA GLU D 197 -21.39 40.11 -21.41
C GLU D 197 -21.21 40.99 -20.18
N LYS D 198 -21.93 40.65 -19.11
CA LYS D 198 -21.87 41.42 -17.87
C LYS D 198 -20.55 41.26 -17.14
N THR D 199 -20.06 40.03 -17.06
CA THR D 199 -18.80 39.77 -16.39
C THR D 199 -17.66 40.59 -17.02
N PHE D 200 -17.57 40.55 -18.35
CA PHE D 200 -16.51 41.26 -19.04
C PHE D 200 -16.72 42.76 -19.16
N ALA D 201 -17.95 43.21 -18.97
CA ALA D 201 -18.23 44.65 -19.03
C ALA D 201 -17.59 45.19 -17.74
N ASP D 202 -17.73 44.40 -16.69
CA ASP D 202 -17.21 44.69 -15.38
C ASP D 202 -15.68 44.74 -15.51
N PHE D 203 -15.12 43.77 -16.22
CA PHE D 203 -13.67 43.73 -16.43
C PHE D 203 -13.22 45.01 -17.15
N ALA D 204 -13.94 45.36 -18.21
CA ALA D 204 -13.64 46.54 -19.01
C ALA D 204 -13.60 47.80 -18.14
N ARG D 205 -14.64 48.00 -17.35
CA ARG D 205 -14.75 49.16 -16.47
C ARG D 205 -13.75 49.20 -15.31
N THR D 206 -13.34 48.04 -14.80
CA THR D 206 -12.41 48.07 -13.67
C THR D 206 -10.95 47.83 -14.02
N VAL D 207 -10.69 47.20 -15.15
CA VAL D 207 -9.30 46.93 -15.57
C VAL D 207 -9.04 47.43 -16.99
N GLY D 208 -9.94 47.12 -17.91
CA GLY D 208 -9.76 47.55 -19.29
C GLY D 208 -9.07 46.50 -20.12
N PHE D 209 -9.54 46.28 -21.34
CA PHE D 209 -8.93 45.28 -22.20
C PHE D 209 -7.52 45.58 -22.67
N LYS D 210 -7.08 46.83 -22.54
CA LYS D 210 -5.74 47.16 -22.97
C LYS D 210 -4.72 46.35 -22.18
N TYR D 211 -5.08 45.97 -20.96
CA TYR D 211 -4.18 45.18 -20.12
C TYR D 211 -4.30 43.65 -20.32
N LEU D 212 -5.30 43.21 -21.08
CA LEU D 212 -5.47 41.78 -21.30
C LEU D 212 -4.38 41.23 -22.22
N ARG D 213 -3.51 40.40 -21.67
CA ARG D 213 -2.40 39.81 -22.42
C ARG D 213 -2.58 38.33 -22.73
N GLY D 214 -3.61 37.72 -22.16
CA GLY D 214 -3.84 36.31 -22.39
C GLY D 214 -5.06 35.80 -21.66
N MET D 215 -5.46 34.56 -21.97
CA MET D 215 -6.62 33.92 -21.36
C MET D 215 -6.35 32.45 -21.07
N HIS D 216 -7.01 31.95 -20.03
CA HIS D 216 -6.92 30.55 -19.66
C HIS D 216 -8.33 30.02 -19.89
N LEU D 217 -8.50 29.21 -20.93
CA LEU D 217 -9.80 28.65 -21.22
C LEU D 217 -9.94 27.32 -20.47
N ASN D 218 -10.60 27.36 -19.32
CA ASN D 218 -10.79 26.17 -18.48
C ASN D 218 -12.23 26.08 -18.01
N ASP D 219 -12.81 24.89 -18.09
CA ASP D 219 -14.16 24.74 -17.58
C ASP D 219 -13.97 24.56 -16.07
N ALA D 220 -15.04 24.62 -15.31
CA ALA D 220 -14.90 24.49 -13.86
C ALA D 220 -15.46 23.21 -13.26
N LYS D 221 -14.62 22.52 -12.51
CA LYS D 221 -15.04 21.29 -11.84
C LYS D 221 -15.68 21.75 -10.54
N SER D 222 -15.19 22.89 -10.05
CA SER D 222 -15.72 23.47 -8.81
C SER D 222 -17.02 24.18 -9.20
N THR D 223 -17.78 24.59 -8.20
CA THR D 223 -19.05 25.25 -8.45
C THR D 223 -18.98 26.78 -8.36
N PHE D 224 -19.98 27.43 -8.94
CA PHE D 224 -20.06 28.87 -8.98
C PHE D 224 -19.82 29.50 -7.60
N GLY D 225 -18.89 30.45 -7.55
CA GLY D 225 -18.57 31.13 -6.31
C GLY D 225 -17.99 30.25 -5.21
N SER D 226 -17.51 29.08 -5.58
CA SER D 226 -16.93 28.16 -4.61
C SER D 226 -15.55 28.57 -4.09
N ARG D 227 -14.84 29.37 -4.88
CA ARG D 227 -13.50 29.83 -4.52
C ARG D 227 -12.52 28.67 -4.39
N VAL D 228 -12.76 27.64 -5.20
CA VAL D 228 -11.91 26.46 -5.24
C VAL D 228 -11.42 26.33 -6.68
N ASP D 229 -10.11 26.29 -6.86
CA ASP D 229 -9.49 26.20 -8.17
C ASP D 229 -9.37 24.77 -8.72
N ARG D 230 -10.40 24.31 -9.43
CA ARG D 230 -10.42 22.97 -10.03
C ARG D 230 -10.89 23.03 -11.48
N HIS D 231 -9.95 22.85 -12.41
CA HIS D 231 -10.26 22.92 -13.82
C HIS D 231 -11.05 21.72 -14.32
N HIS D 232 -11.52 21.80 -15.57
CA HIS D 232 -12.26 20.71 -16.19
C HIS D 232 -12.27 20.90 -17.70
N SER D 233 -12.45 19.80 -18.44
CA SER D 233 -12.50 19.83 -19.91
C SER D 233 -13.65 20.73 -20.41
N LEU D 234 -13.42 21.38 -21.54
CA LEU D 234 -14.42 22.27 -22.13
C LEU D 234 -15.78 21.60 -22.31
N GLY D 235 -16.79 22.15 -21.65
CA GLY D 235 -18.14 21.63 -21.75
C GLY D 235 -18.49 20.55 -20.74
N GLU D 236 -17.51 20.06 -20.01
CA GLU D 236 -17.73 19.01 -19.02
C GLU D 236 -17.84 19.56 -17.61
N GLY D 237 -17.55 20.85 -17.45
CA GLY D 237 -17.61 21.47 -16.14
C GLY D 237 -18.91 22.17 -15.88
N ASN D 238 -18.94 22.94 -14.79
CA ASN D 238 -20.13 23.66 -14.41
C ASN D 238 -20.36 24.92 -15.24
N ILE D 239 -19.33 25.38 -15.94
CA ILE D 239 -19.44 26.56 -16.77
C ILE D 239 -20.20 26.23 -18.06
N GLY D 240 -19.75 25.19 -18.76
CA GLY D 240 -20.42 24.81 -19.99
C GLY D 240 -19.72 25.37 -21.21
N HIS D 241 -20.03 24.85 -22.38
CA HIS D 241 -19.38 25.27 -23.62
C HIS D 241 -19.77 26.64 -24.17
N ASP D 242 -21.00 27.07 -23.93
CA ASP D 242 -21.45 28.37 -24.42
C ASP D 242 -20.49 29.51 -24.09
N ALA D 243 -19.98 29.52 -22.86
CA ALA D 243 -19.05 30.57 -22.45
C ALA D 243 -17.87 30.66 -23.41
N PHE D 244 -17.30 29.53 -23.77
CA PHE D 244 -16.16 29.54 -24.67
C PHE D 244 -16.53 29.90 -26.10
N ARG D 245 -17.68 29.41 -26.58
CA ARG D 245 -18.12 29.74 -27.92
C ARG D 245 -18.31 31.24 -27.99
N TRP D 246 -18.83 31.81 -26.91
CA TRP D 246 -19.07 33.24 -26.81
C TRP D 246 -17.74 33.98 -26.95
N ILE D 247 -16.76 33.58 -26.14
CA ILE D 247 -15.44 34.20 -26.14
C ILE D 247 -14.76 34.15 -27.51
N MET D 248 -14.88 33.00 -28.19
CA MET D 248 -14.27 32.86 -29.50
C MET D 248 -14.88 33.85 -30.49
N GLN D 249 -16.13 34.24 -30.24
CA GLN D 249 -16.82 35.15 -31.14
C GLN D 249 -16.70 36.63 -30.79
N ASP D 250 -16.18 36.96 -29.62
CA ASP D 250 -16.00 38.35 -29.21
C ASP D 250 -14.65 38.85 -29.76
N ASP D 251 -14.67 39.95 -30.52
CA ASP D 251 -13.42 40.47 -31.09
C ASP D 251 -12.48 41.15 -30.10
N ARG D 252 -12.85 41.20 -28.83
CA ARG D 252 -12.01 41.83 -27.82
C ARG D 252 -10.95 40.87 -27.28
N PHE D 253 -10.99 39.61 -27.70
CA PHE D 253 -10.02 38.64 -27.22
C PHE D 253 -9.07 38.21 -28.32
N ASP D 254 -8.76 39.12 -29.24
CA ASP D 254 -7.84 38.81 -30.33
C ASP D 254 -6.41 39.19 -29.97
N GLY D 255 -5.47 38.71 -30.78
CA GLY D 255 -4.07 39.02 -30.60
C GLY D 255 -3.38 38.57 -29.32
N ILE D 256 -4.01 37.67 -28.57
CA ILE D 256 -3.40 37.21 -27.33
C ILE D 256 -3.49 35.69 -27.14
N PRO D 257 -2.56 35.12 -26.36
CA PRO D 257 -2.59 33.67 -26.15
C PRO D 257 -3.83 33.20 -25.38
N LEU D 258 -4.65 32.38 -26.02
CA LEU D 258 -5.84 31.80 -25.41
C LEU D 258 -5.41 30.36 -25.08
N ILE D 259 -5.16 30.10 -23.80
CA ILE D 259 -4.63 28.80 -23.38
C ILE D 259 -5.49 27.81 -22.61
N LEU D 260 -5.46 26.56 -23.05
CA LEU D 260 -6.20 25.49 -22.41
C LEU D 260 -5.39 24.90 -21.26
N GLN D 261 -6.03 24.75 -20.11
CA GLN D 261 -5.42 24.15 -18.92
C GLN D 261 -6.47 23.13 -18.47
N THR D 262 -7.21 22.61 -19.44
CA THR D 262 -8.26 21.62 -19.23
C THR D 262 -7.58 20.35 -18.69
N ILE D 263 -8.33 19.51 -17.99
CA ILE D 263 -7.73 18.32 -17.36
C ILE D 263 -7.43 17.07 -18.17
N ASN D 264 -7.93 16.97 -19.40
CA ASN D 264 -7.63 15.80 -20.21
C ASN D 264 -6.82 16.20 -21.44
N PRO D 265 -5.49 16.23 -21.32
CA PRO D 265 -4.58 16.61 -22.40
C PRO D 265 -4.81 15.82 -23.70
N ASP D 266 -5.24 14.56 -23.55
CA ASP D 266 -5.48 13.69 -24.70
C ASP D 266 -6.54 14.16 -25.67
N ILE D 267 -7.30 15.19 -25.31
CA ILE D 267 -8.33 15.72 -26.22
C ILE D 267 -8.11 17.20 -26.56
N TRP D 268 -6.95 17.72 -26.17
CA TRP D 268 -6.62 19.11 -26.44
C TRP D 268 -6.75 19.43 -27.91
N ALA D 269 -6.22 18.54 -28.76
CA ALA D 269 -6.29 18.73 -30.19
C ALA D 269 -7.75 19.02 -30.60
N GLU D 270 -8.67 18.18 -30.13
CA GLU D 270 -10.09 18.36 -30.41
C GLU D 270 -10.61 19.66 -29.80
N GLU D 271 -10.24 19.91 -28.55
CA GLU D 271 -10.68 21.13 -27.91
C GLU D 271 -10.22 22.37 -28.68
N ILE D 272 -8.99 22.33 -29.19
CA ILE D 272 -8.46 23.46 -29.95
C ILE D 272 -9.22 23.61 -31.26
N ALA D 273 -9.42 22.48 -31.94
CA ALA D 273 -10.13 22.48 -33.21
C ALA D 273 -11.54 23.01 -33.04
N TRP D 274 -12.19 22.61 -31.95
CA TRP D 274 -13.56 23.03 -31.66
C TRP D 274 -13.62 24.55 -31.48
N LEU D 275 -12.69 25.07 -30.67
CA LEU D 275 -12.63 26.50 -30.40
C LEU D 275 -12.48 27.28 -31.70
N LYS D 276 -11.55 26.87 -32.53
CA LYS D 276 -11.33 27.56 -33.80
C LYS D 276 -12.63 27.60 -34.62
N ALA D 277 -13.37 26.50 -34.61
CA ALA D 277 -14.62 26.41 -35.35
C ALA D 277 -15.71 27.31 -34.79
N GLN D 278 -15.57 27.73 -33.54
CA GLN D 278 -16.59 28.59 -32.93
C GLN D 278 -16.47 30.04 -33.40
N GLN D 279 -15.39 30.36 -34.10
CA GLN D 279 -15.19 31.73 -34.57
C GLN D 279 -16.17 32.06 -35.71
ZN ZN E . 2.41 -30.42 20.96
ZN ZN F . -1.03 -29.41 20.21
ZN ZN G . -0.96 -26.23 22.92
ZN ZN H . -6.35 27.20 -11.91
#